data_2WLF
#
_entry.id   2WLF
#
_cell.length_a   78.855
_cell.length_b   94.656
_cell.length_c   100.829
_cell.angle_alpha   90.00
_cell.angle_beta   90.00
_cell.angle_gamma   90.00
#
_symmetry.space_group_name_H-M   'P 2 2 2'
#
loop_
_entity.id
_entity.type
_entity.pdbx_description
1 polymer 'POLYSIALIC ACID O-ACETYLTRANSFERASE'
2 non-polymer 'ACETATE ION'
3 non-polymer 1,2-ETHANEDIOL
4 non-polymer 'ACETYL COENZYME *A'
5 water water
#
_entity_poly.entity_id   1
_entity_poly.type   'polypeptide(L)'
_entity_poly.pdbx_seq_one_letter_code
;MGTHMYSEQGINNTINISTTSLTNATQLTVIGNNNSVYIGNNCKIVSSNIRLKGNNITLFIADDVEIMGLVCSLHSDCSL
QIQAKTTMGNGEITIAEKGKISIGKDCMLAHGYEIRNTDMHPIYSLENGERINHGKDVIIGNHVWLGRNVTILKGVCIPN
NVVVGSHTVLYKSFKEPNCVIAGSPAKIVKENIVWGRKMYHSTMYDDPTLNEFYK
;
_entity_poly.pdbx_strand_id   A,B,C
#
# COMPACT_ATOMS: atom_id res chain seq x y z
N MET A 5 -16.74 19.71 14.39
CA MET A 5 -17.21 19.49 15.79
C MET A 5 -17.56 18.00 15.94
N TYR A 6 -18.83 17.68 15.71
CA TYR A 6 -19.25 16.27 15.64
C TYR A 6 -20.74 16.12 15.37
N SER A 7 -21.10 15.02 14.73
CA SER A 7 -22.48 14.71 14.41
C SER A 7 -22.95 13.49 15.23
N GLU A 8 -23.71 13.75 16.28
CA GLU A 8 -24.13 12.72 17.22
C GLU A 8 -25.64 12.49 17.12
N GLN A 9 -26.06 11.23 17.19
CA GLN A 9 -27.46 10.92 16.96
C GLN A 9 -27.90 9.60 17.61
N GLY A 10 -28.79 9.72 18.58
CA GLY A 10 -29.29 8.55 19.31
C GLY A 10 -29.57 8.89 20.77
N ILE A 11 -29.76 7.86 21.58
CA ILE A 11 -30.09 8.04 22.99
C ILE A 11 -28.87 7.88 23.91
N ASN A 12 -28.69 8.87 24.78
CA ASN A 12 -27.70 8.85 25.87
C ASN A 12 -26.26 8.58 25.46
N ASN A 13 -25.81 9.30 24.44
CA ASN A 13 -24.42 9.30 24.08
C ASN A 13 -23.73 10.40 24.88
N THR A 14 -22.50 10.13 25.30
CA THR A 14 -21.74 11.07 26.09
C THR A 14 -20.44 11.36 25.38
N ILE A 15 -20.24 12.63 25.05
CA ILE A 15 -19.06 13.05 24.34
C ILE A 15 -18.33 14.08 25.18
N ASN A 16 -17.12 13.74 25.62
CA ASN A 16 -16.37 14.58 26.53
C ASN A 16 -14.99 14.85 25.94
N ILE A 17 -14.84 16.04 25.37
CA ILE A 17 -13.62 16.38 24.67
C ILE A 17 -13.03 17.59 25.32
N SER A 18 -11.83 17.44 25.86
CA SER A 18 -11.23 18.49 26.64
C SER A 18 -11.14 19.76 25.80
N THR A 19 -11.46 20.88 26.43
CA THR A 19 -11.43 22.20 25.79
C THR A 19 -10.01 22.57 25.36
N THR A 20 -9.02 21.84 25.84
CA THR A 20 -7.63 22.10 25.50
C THR A 20 -7.19 21.28 24.30
N SER A 21 -8.13 20.59 23.66
CA SER A 21 -7.78 19.73 22.55
C SER A 21 -8.25 20.25 21.20
N LEU A 22 -7.40 20.09 20.20
CA LEU A 22 -7.70 20.51 18.84
C LEU A 22 -8.33 19.36 18.07
N THR A 23 -9.43 19.64 17.37
CA THR A 23 -10.10 18.64 16.52
C THR A 23 -10.21 19.12 15.07
N ASN A 24 -9.34 20.04 14.67
CA ASN A 24 -9.36 20.58 13.32
C ASN A 24 -9.56 19.56 12.18
N ALA A 25 -10.57 19.81 11.35
CA ALA A 25 -10.85 18.99 10.15
C ALA A 25 -11.22 17.54 10.49
N THR A 26 -11.60 17.29 11.72
CA THR A 26 -11.95 15.93 12.07
C THR A 26 -13.46 15.75 12.11
N GLN A 27 -13.91 14.62 11.57
CA GLN A 27 -15.32 14.27 11.63
C GLN A 27 -15.52 13.14 12.65
N LEU A 28 -16.35 13.40 13.65
CA LEU A 28 -16.72 12.41 14.65
C LEU A 28 -18.21 12.15 14.51
N THR A 29 -18.55 10.93 14.19
CA THR A 29 -19.93 10.57 13.93
C THR A 29 -20.31 9.50 14.94
N VAL A 30 -21.42 9.72 15.63
CA VAL A 30 -21.94 8.77 16.60
C VAL A 30 -23.40 8.48 16.28
N ILE A 31 -23.69 7.25 15.91
CA ILE A 31 -25.04 6.81 15.57
C ILE A 31 -25.36 5.55 16.33
N GLY A 32 -26.30 5.65 17.28
CA GLY A 32 -26.61 4.54 18.17
C GLY A 32 -26.88 5.06 19.57
N ASN A 33 -26.83 4.15 20.55
CA ASN A 33 -27.17 4.47 21.93
C ASN A 33 -26.08 4.12 22.95
N ASN A 34 -26.03 4.88 24.04
CA ASN A 34 -25.17 4.55 25.16
C ASN A 34 -23.71 4.50 24.71
N ASN A 35 -23.35 5.37 23.78
CA ASN A 35 -21.96 5.45 23.34
C ASN A 35 -21.22 6.51 24.16
N SER A 36 -19.91 6.35 24.26
CA SER A 36 -19.12 7.20 25.12
CA SER A 36 -19.12 7.23 25.10
C SER A 36 -17.77 7.53 24.49
N VAL A 37 -17.46 8.81 24.39
CA VAL A 37 -16.21 9.28 23.82
C VAL A 37 -15.51 10.16 24.85
N TYR A 38 -14.26 9.82 25.16
CA TYR A 38 -13.49 10.68 26.02
C TYR A 38 -12.17 11.01 25.34
N ILE A 39 -11.87 12.29 25.18
CA ILE A 39 -10.58 12.74 24.67
C ILE A 39 -9.95 13.70 25.66
N GLY A 40 -8.73 13.39 26.08
CA GLY A 40 -8.11 14.08 27.21
C GLY A 40 -7.49 15.40 26.80
N ASN A 41 -6.61 15.91 27.65
CA ASN A 41 -6.05 17.25 27.46
C ASN A 41 -4.88 17.32 26.48
N ASN A 42 -4.79 18.46 25.81
CA ASN A 42 -3.67 18.76 24.94
C ASN A 42 -3.51 17.72 23.82
N CYS A 43 -4.64 17.22 23.34
CA CYS A 43 -4.66 16.39 22.15
C CYS A 43 -4.80 17.20 20.86
N LYS A 44 -4.29 16.63 19.78
CA LYS A 44 -4.52 17.16 18.44
C LYS A 44 -5.02 16.02 17.56
N ILE A 45 -6.34 15.96 17.40
CA ILE A 45 -6.97 14.97 16.55
C ILE A 45 -7.43 15.67 15.28
N VAL A 46 -6.58 15.68 14.24
CA VAL A 46 -6.89 16.44 13.03
C VAL A 46 -7.08 15.57 11.77
N SER A 47 -7.86 16.11 10.83
CA SER A 47 -8.10 15.47 9.55
C SER A 47 -8.47 14.01 9.66
N SER A 48 -9.17 13.66 10.73
CA SER A 48 -9.51 12.27 10.99
C SER A 48 -10.99 12.05 10.81
N ASN A 49 -11.37 10.79 10.70
CA ASN A 49 -12.76 10.43 10.49
C ASN A 49 -13.11 9.28 11.40
N ILE A 50 -13.77 9.60 12.49
CA ILE A 50 -14.03 8.61 13.53
C ILE A 50 -15.51 8.30 13.60
N ARG A 51 -15.83 7.05 13.27
CA ARG A 51 -17.21 6.64 13.18
C ARG A 51 -17.56 5.61 14.25
N LEU A 52 -18.53 5.94 15.09
CA LEU A 52 -19.10 5.01 16.05
C LEU A 52 -20.52 4.68 15.64
N LYS A 53 -20.71 3.47 15.13
CA LYS A 53 -22.00 3.03 14.64
C LYS A 53 -22.46 1.78 15.40
N GLY A 54 -23.44 1.96 16.28
CA GLY A 54 -23.99 0.87 17.09
C GLY A 54 -24.24 1.39 18.49
N ASN A 55 -24.27 0.48 19.48
CA ASN A 55 -24.53 0.82 20.85
C ASN A 55 -23.44 0.38 21.83
N ASN A 56 -23.36 1.10 22.94
CA ASN A 56 -22.45 0.74 24.03
C ASN A 56 -21.00 0.69 23.57
N ILE A 57 -20.63 1.63 22.71
CA ILE A 57 -19.27 1.73 22.21
C ILE A 57 -18.53 2.75 23.04
N THR A 58 -17.23 2.52 23.23
CA THR A 58 -16.41 3.46 23.98
C THR A 58 -15.15 3.80 23.18
N LEU A 59 -14.79 5.08 23.23
CA LEU A 59 -13.55 5.57 22.67
C LEU A 59 -12.87 6.37 23.74
N PHE A 60 -11.66 5.98 24.07
CA PHE A 60 -10.94 6.66 25.10
C PHE A 60 -9.56 7.05 24.58
N ILE A 61 -9.34 8.35 24.52
CA ILE A 61 -8.04 8.89 24.13
C ILE A 61 -7.47 9.75 25.25
N ALA A 62 -6.28 9.39 25.71
CA ALA A 62 -5.68 10.07 26.87
C ALA A 62 -5.02 11.37 26.46
N ASP A 63 -4.27 11.95 27.37
CA ASP A 63 -3.68 13.28 27.18
C ASP A 63 -2.52 13.24 26.21
N ASP A 64 -2.32 14.34 25.50
CA ASP A 64 -1.12 14.51 24.72
C ASP A 64 -1.02 13.51 23.57
N VAL A 65 -2.17 13.06 23.09
CA VAL A 65 -2.21 12.19 21.95
C VAL A 65 -2.37 13.04 20.68
N GLU A 66 -1.59 12.72 19.66
CA GLU A 66 -1.67 13.45 18.39
C GLU A 66 -1.96 12.48 17.27
N ILE A 67 -3.02 12.75 16.53
CA ILE A 67 -3.46 11.86 15.50
C ILE A 67 -3.77 12.69 14.28
N MET A 68 -3.27 12.25 13.12
CA MET A 68 -3.52 12.97 11.88
C MET A 68 -3.89 12.00 10.77
N GLY A 69 -5.12 12.12 10.28
CA GLY A 69 -5.61 11.30 9.17
C GLY A 69 -6.04 9.89 9.53
N LEU A 70 -6.45 9.69 10.78
CA LEU A 70 -7.01 8.42 11.22
C LEU A 70 -8.40 8.19 10.66
N VAL A 71 -8.61 7.01 10.08
CA VAL A 71 -9.95 6.56 9.67
C VAL A 71 -10.34 5.38 10.55
N CYS A 72 -11.29 5.64 11.45
CA CYS A 72 -11.63 4.70 12.50
C CYS A 72 -13.09 4.30 12.44
N SER A 73 -13.31 3.00 12.56
CA SER A 73 -14.63 2.43 12.47
C SER A 73 -14.84 1.49 13.67
N LEU A 74 -15.76 1.86 14.56
CA LEU A 74 -16.12 1.04 15.70
C LEU A 74 -17.57 0.59 15.57
N HIS A 75 -17.83 -0.68 15.87
CA HIS A 75 -19.19 -1.18 15.90
C HIS A 75 -19.68 -1.46 17.32
N SER A 76 -20.87 -2.03 17.44
CA SER A 76 -21.53 -2.18 18.72
C SER A 76 -20.68 -2.86 19.75
N ASP A 77 -20.66 -2.29 20.96
CA ASP A 77 -19.99 -2.89 22.11
C ASP A 77 -18.49 -2.98 21.92
N CYS A 78 -17.96 -2.18 21.00
CA CYS A 78 -16.52 -2.19 20.78
C CYS A 78 -15.83 -1.14 21.61
N SER A 79 -14.52 -1.22 21.68
CA SER A 79 -13.78 -0.31 22.52
CA SER A 79 -13.78 -0.31 22.54
C SER A 79 -12.38 -0.09 21.99
N LEU A 80 -12.03 1.19 21.88
CA LEU A 80 -10.70 1.61 21.49
C LEU A 80 -10.17 2.53 22.57
N GLN A 81 -8.99 2.21 23.08
CA GLN A 81 -8.33 3.09 24.01
C GLN A 81 -6.89 3.36 23.57
N ILE A 82 -6.53 4.62 23.60
CA ILE A 82 -5.21 5.06 23.16
C ILE A 82 -4.58 5.85 24.31
N GLN A 83 -3.45 5.37 24.81
CA GLN A 83 -2.89 5.94 26.01
C GLN A 83 -1.98 7.14 25.72
N ALA A 84 -1.46 7.72 26.80
CA ALA A 84 -0.90 9.06 26.76
C ALA A 84 0.35 9.18 25.89
N LYS A 85 0.41 10.29 25.16
CA LYS A 85 1.62 10.71 24.45
C LYS A 85 1.86 9.93 23.17
N THR A 86 0.87 9.18 22.76
CA THR A 86 0.97 8.42 21.54
C THR A 86 0.75 9.32 20.34
N THR A 87 1.54 9.12 19.30
CA THR A 87 1.40 9.89 18.08
C THR A 87 1.05 8.94 16.92
N MET A 88 0.19 9.40 16.01
CA MET A 88 -0.30 8.55 14.93
C MET A 88 -0.45 9.37 13.66
N GLY A 89 0.14 8.87 12.58
CA GLY A 89 -0.02 9.49 11.28
C GLY A 89 -1.27 8.93 10.64
N ASN A 90 -1.33 8.93 9.31
CA ASN A 90 -2.50 8.44 8.59
C ASN A 90 -2.58 6.94 8.73
N GLY A 91 -3.79 6.46 8.98
CA GLY A 91 -4.00 5.04 9.08
C GLY A 91 -5.44 4.71 9.35
N GLU A 92 -5.66 3.41 9.55
CA GLU A 92 -6.97 2.88 9.62
C GLU A 92 -7.09 1.94 10.80
N ILE A 93 -8.14 2.10 11.57
CA ILE A 93 -8.44 1.18 12.67
C ILE A 93 -9.85 0.67 12.51
N THR A 94 -10.03 -0.64 12.57
CA THR A 94 -11.37 -1.24 12.46
C THR A 94 -11.62 -2.20 13.61
N ILE A 95 -12.75 -2.03 14.29
CA ILE A 95 -13.12 -2.90 15.40
C ILE A 95 -14.56 -3.36 15.24
N ALA A 96 -14.77 -4.66 15.33
CA ALA A 96 -16.11 -5.23 15.28
C ALA A 96 -16.16 -6.44 16.19
N GLU A 97 -17.22 -7.23 16.07
CA GLU A 97 -17.42 -8.43 16.89
C GLU A 97 -17.29 -8.13 18.39
N LYS A 98 -17.78 -6.97 18.77
CA LYS A 98 -17.83 -6.57 20.20
C LYS A 98 -16.48 -6.68 20.88
N GLY A 99 -15.40 -6.43 20.16
CA GLY A 99 -14.06 -6.58 20.68
C GLY A 99 -13.39 -5.27 21.04
N LYS A 100 -12.11 -5.33 21.38
CA LYS A 100 -11.39 -4.13 21.71
C LYS A 100 -9.99 -4.09 21.16
N ILE A 101 -9.51 -2.85 21.02
CA ILE A 101 -8.14 -2.57 20.63
C ILE A 101 -7.57 -1.55 21.61
N SER A 102 -6.35 -1.81 22.03
CA SER A 102 -5.74 -1.00 23.04
C SER A 102 -4.33 -0.61 22.59
N ILE A 103 -3.98 0.65 22.72
CA ILE A 103 -2.69 1.13 22.29
C ILE A 103 -2.04 1.86 23.43
N GLY A 104 -0.81 1.50 23.74
CA GLY A 104 -0.16 1.90 24.97
C GLY A 104 0.31 3.34 24.97
N LYS A 105 1.09 3.69 25.99
CA LYS A 105 1.62 5.04 26.11
C LYS A 105 2.79 5.26 25.16
N ASP A 106 2.92 6.48 24.69
CA ASP A 106 4.10 6.92 23.97
C ASP A 106 4.45 6.01 22.80
N CYS A 107 3.45 5.58 22.06
CA CYS A 107 3.71 4.88 20.82
C CYS A 107 3.88 5.89 19.70
N MET A 108 4.54 5.43 18.65
CA MET A 108 4.76 6.20 17.43
C MET A 108 4.32 5.38 16.25
N LEU A 109 3.22 5.77 15.64
CA LEU A 109 2.64 5.01 14.54
C LEU A 109 2.75 5.79 13.23
N ALA A 110 3.56 5.30 12.31
CA ALA A 110 3.81 5.99 11.06
C ALA A 110 2.67 5.82 10.08
N HIS A 111 2.66 6.66 9.04
CA HIS A 111 1.65 6.63 8.01
C HIS A 111 1.50 5.22 7.46
N GLY A 112 0.24 4.87 7.20
CA GLY A 112 -0.08 3.62 6.53
C GLY A 112 -0.43 2.45 7.42
N TYR A 113 -0.57 2.67 8.73
CA TYR A 113 -0.90 1.56 9.60
C TYR A 113 -2.30 1.02 9.26
N GLU A 114 -2.50 -0.26 9.48
CA GLU A 114 -3.83 -0.82 9.42
C GLU A 114 -4.01 -1.80 10.55
N ILE A 115 -4.95 -1.52 11.45
CA ILE A 115 -5.11 -2.30 12.66
C ILE A 115 -6.55 -2.78 12.77
N ARG A 116 -6.74 -4.07 13.03
CA ARG A 116 -8.07 -4.64 13.03
C ARG A 116 -8.16 -5.85 13.97
N ASN A 117 -9.28 -5.97 14.67
CA ASN A 117 -9.51 -7.11 15.56
C ASN A 117 -10.39 -8.11 14.86
N THR A 118 -10.71 -7.87 13.58
CA THR A 118 -11.65 -8.70 12.86
C THR A 118 -11.27 -8.88 11.39
N ASP A 119 -11.67 -10.01 10.80
CA ASP A 119 -11.56 -10.20 9.35
C ASP A 119 -12.80 -9.64 8.62
N MET A 120 -13.81 -9.28 9.38
CA MET A 120 -15.10 -8.81 8.86
C MET A 120 -15.95 -9.91 8.21
N HIS A 121 -15.38 -11.08 7.98
CA HIS A 121 -16.13 -12.21 7.43
C HIS A 121 -15.64 -13.54 7.94
N PRO A 122 -16.56 -14.51 8.04
CA PRO A 122 -16.32 -15.78 8.70
C PRO A 122 -15.60 -16.78 7.81
N ILE A 123 -14.75 -17.59 8.45
CA ILE A 123 -14.21 -18.79 7.82
C ILE A 123 -14.65 -19.98 8.65
N TYR A 124 -15.20 -21.00 8.01
CA TYR A 124 -15.65 -22.18 8.73
C TYR A 124 -14.75 -23.37 8.38
N SER A 125 -14.57 -24.27 9.33
CA SER A 125 -13.85 -25.50 9.06
C SER A 125 -14.79 -26.47 8.38
N LEU A 126 -14.31 -27.24 7.41
CA LEU A 126 -15.16 -28.21 6.70
C LEU A 126 -15.35 -29.46 7.54
N GLU A 127 -14.54 -29.62 8.57
CA GLU A 127 -14.62 -30.80 9.42
C GLU A 127 -15.87 -30.77 10.32
N ASN A 128 -16.36 -29.59 10.67
CA ASN A 128 -17.51 -29.50 11.53
C ASN A 128 -18.42 -28.29 11.24
N GLY A 129 -18.07 -27.51 10.23
CA GLY A 129 -18.86 -26.34 9.88
C GLY A 129 -18.74 -25.18 10.87
N GLU A 130 -17.93 -25.33 11.92
CA GLU A 130 -17.83 -24.29 12.92
C GLU A 130 -16.95 -23.13 12.46
N ARG A 131 -17.23 -21.95 12.96
CA ARG A 131 -16.39 -20.79 12.66
C ARG A 131 -15.05 -20.88 13.37
N ILE A 132 -13.96 -20.62 12.64
CA ILE A 132 -12.60 -20.71 13.23
C ILE A 132 -11.83 -19.40 13.27
N ASN A 133 -12.38 -18.33 12.73
CA ASN A 133 -11.67 -17.05 12.69
C ASN A 133 -12.43 -15.97 13.45
N HIS A 134 -12.84 -16.26 14.68
CA HIS A 134 -13.54 -15.27 15.48
C HIS A 134 -12.59 -14.12 15.72
N GLY A 135 -13.16 -12.94 15.90
CA GLY A 135 -12.36 -11.76 16.17
C GLY A 135 -11.64 -11.88 17.49
N LYS A 136 -10.51 -11.20 17.56
CA LYS A 136 -9.62 -11.30 18.71
C LYS A 136 -9.00 -9.93 19.00
N ASP A 137 -8.98 -9.57 20.28
CA ASP A 137 -8.46 -8.27 20.71
C ASP A 137 -7.02 -8.05 20.27
N VAL A 138 -6.71 -6.78 20.02
CA VAL A 138 -5.37 -6.36 19.66
C VAL A 138 -4.83 -5.51 20.81
N ILE A 139 -3.59 -5.79 21.21
CA ILE A 139 -2.94 -5.03 22.24
C ILE A 139 -1.52 -4.62 21.80
N ILE A 140 -1.34 -3.31 21.69
CA ILE A 140 -0.07 -2.71 21.39
C ILE A 140 0.44 -2.13 22.70
N GLY A 141 1.58 -2.63 23.15
CA GLY A 141 2.17 -2.20 24.42
C GLY A 141 2.62 -0.76 24.39
N ASN A 142 3.21 -0.32 25.48
CA ASN A 142 3.78 1.01 25.59
C ASN A 142 5.03 1.18 24.74
N HIS A 143 5.23 2.39 24.25
CA HIS A 143 6.46 2.73 23.54
C HIS A 143 6.70 1.75 22.42
N VAL A 144 5.70 1.62 21.55
CA VAL A 144 5.84 0.81 20.34
C VAL A 144 5.87 1.72 19.12
N TRP A 145 6.82 1.44 18.23
CA TRP A 145 6.98 2.21 17.03
C TRP A 145 6.62 1.33 15.85
N LEU A 146 5.59 1.73 15.12
CA LEU A 146 5.25 1.08 13.87
C LEU A 146 5.84 1.90 12.74
N GLY A 147 6.67 1.29 11.90
CA GLY A 147 7.13 1.96 10.70
C GLY A 147 5.99 2.08 9.70
N ARG A 148 6.33 2.54 8.50
CA ARG A 148 5.36 2.76 7.43
C ARG A 148 4.64 1.51 7.01
N ASN A 149 3.33 1.64 6.79
CA ASN A 149 2.54 0.59 6.19
C ASN A 149 2.67 -0.73 6.91
N VAL A 150 2.46 -0.67 8.22
CA VAL A 150 2.42 -1.85 9.02
C VAL A 150 0.97 -2.26 9.18
N THR A 151 0.71 -3.54 9.03
CA THR A 151 -0.61 -4.08 9.17
C THR A 151 -0.62 -4.96 10.41
N ILE A 152 -1.57 -4.72 11.30
CA ILE A 152 -1.73 -5.50 12.53
C ILE A 152 -3.07 -6.23 12.48
N LEU A 153 -3.05 -7.55 12.37
CA LEU A 153 -4.25 -8.36 12.22
C LEU A 153 -4.82 -8.79 13.57
N LYS A 154 -5.92 -9.55 13.56
CA LYS A 154 -6.65 -9.81 14.80
C LYS A 154 -5.81 -10.58 15.77
N GLY A 155 -6.06 -10.36 17.06
CA GLY A 155 -5.47 -11.16 18.12
C GLY A 155 -4.04 -10.82 18.49
N VAL A 156 -3.43 -9.91 17.75
CA VAL A 156 -2.02 -9.63 17.93
C VAL A 156 -1.69 -8.76 19.15
N CYS A 157 -0.76 -9.26 19.95
CA CYS A 157 -0.29 -8.52 21.10
CA CYS A 157 -0.28 -8.53 21.12
C CYS A 157 1.19 -8.22 20.91
N ILE A 158 1.53 -6.93 21.00
CA ILE A 158 2.89 -6.50 20.84
C ILE A 158 3.44 -6.02 22.17
N PRO A 159 4.61 -6.54 22.55
CA PRO A 159 5.30 -6.17 23.78
C PRO A 159 5.77 -4.72 23.78
N ASN A 160 6.07 -4.22 24.98
CA ASN A 160 6.64 -2.89 25.17
C ASN A 160 7.97 -2.70 24.46
N ASN A 161 8.23 -1.49 23.97
CA ASN A 161 9.53 -1.11 23.44
C ASN A 161 9.94 -1.98 22.28
N VAL A 162 9.03 -2.10 21.32
CA VAL A 162 9.27 -2.83 20.11
C VAL A 162 9.17 -1.91 18.91
N VAL A 163 10.06 -2.12 17.95
CA VAL A 163 9.95 -1.45 16.67
C VAL A 163 9.51 -2.47 15.64
N VAL A 164 8.44 -2.14 14.92
CA VAL A 164 8.01 -2.98 13.80
C VAL A 164 8.48 -2.39 12.48
N GLY A 165 9.22 -3.18 11.71
CA GLY A 165 9.75 -2.75 10.43
C GLY A 165 8.67 -2.39 9.44
N SER A 166 8.99 -1.48 8.53
CA SER A 166 7.98 -0.97 7.62
C SER A 166 7.51 -2.06 6.67
N HIS A 167 6.23 -1.98 6.29
CA HIS A 167 5.60 -2.96 5.42
C HIS A 167 5.52 -4.37 6.02
N THR A 168 5.72 -4.49 7.31
CA THR A 168 5.54 -5.77 7.99
C THR A 168 4.08 -6.03 8.31
N VAL A 169 3.66 -7.28 8.11
CA VAL A 169 2.33 -7.74 8.49
C VAL A 169 2.44 -8.63 9.71
N LEU A 170 1.71 -8.32 10.77
CA LEU A 170 1.72 -9.16 11.98
C LEU A 170 0.42 -9.95 12.11
N TYR A 171 0.53 -11.27 12.03
CA TYR A 171 -0.61 -12.15 12.12
C TYR A 171 -0.57 -12.90 13.45
N LYS A 172 0.56 -12.81 14.13
CA LYS A 172 0.78 -13.51 15.41
C LYS A 172 1.45 -12.62 16.44
N SER A 173 1.09 -12.83 17.71
CA SER A 173 1.67 -12.12 18.83
C SER A 173 3.14 -12.42 19.01
N PHE A 174 3.84 -11.53 19.71
CA PHE A 174 5.21 -11.78 20.18
C PHE A 174 5.22 -11.56 21.68
N LYS A 175 6.24 -12.06 22.36
CA LYS A 175 6.35 -11.99 23.81
C LYS A 175 7.57 -11.19 24.29
N GLU A 176 8.55 -11.03 23.40
CA GLU A 176 9.84 -10.43 23.74
C GLU A 176 9.88 -8.90 23.64
N PRO A 177 10.12 -8.21 24.75
CA PRO A 177 10.25 -6.75 24.69
C PRO A 177 11.60 -6.32 24.09
N ASN A 178 11.72 -5.04 23.76
CA ASN A 178 13.00 -4.45 23.40
C ASN A 178 13.58 -5.06 22.14
N CYS A 179 12.76 -5.24 21.12
CA CYS A 179 13.29 -5.82 19.90
CA CYS A 179 13.18 -5.91 19.89
C CYS A 179 12.77 -5.15 18.65
N VAL A 180 13.45 -5.40 17.54
CA VAL A 180 12.99 -4.98 16.24
C VAL A 180 12.39 -6.20 15.56
N ILE A 181 11.19 -6.03 15.02
CA ILE A 181 10.48 -7.12 14.36
C ILE A 181 10.28 -6.75 12.93
N ALA A 182 10.57 -7.67 12.01
CA ALA A 182 10.48 -7.34 10.63
C ALA A 182 10.46 -8.57 9.74
N GLY A 183 10.34 -8.33 8.45
CA GLY A 183 10.41 -9.38 7.46
C GLY A 183 9.11 -10.14 7.32
N SER A 184 9.15 -11.15 6.46
CA SER A 184 7.98 -11.94 6.18
C SER A 184 8.44 -13.36 5.87
N PRO A 185 8.09 -14.30 6.76
CA PRO A 185 7.19 -13.97 7.87
C PRO A 185 7.82 -13.06 8.92
N ALA A 186 6.98 -12.38 9.69
CA ALA A 186 7.46 -11.44 10.70
C ALA A 186 8.25 -12.15 11.79
N LYS A 187 9.49 -11.71 12.00
CA LYS A 187 10.34 -12.33 13.01
C LYS A 187 11.16 -11.32 13.80
N ILE A 188 11.62 -11.71 14.97
CA ILE A 188 12.54 -10.88 15.72
C ILE A 188 13.83 -10.83 14.94
N VAL A 189 14.29 -9.63 14.65
CA VAL A 189 15.32 -9.45 13.66
C VAL A 189 16.48 -8.73 14.34
N LYS A 190 16.19 -8.17 15.51
CA LYS A 190 17.20 -7.50 16.34
C LYS A 190 16.68 -7.51 17.78
N GLU A 191 17.49 -7.99 18.71
CA GLU A 191 17.09 -7.99 20.12
C GLU A 191 17.81 -6.90 20.90
N ASN A 192 17.31 -6.61 22.10
CA ASN A 192 18.03 -5.75 23.04
C ASN A 192 18.26 -4.33 22.56
N ILE A 193 17.19 -3.69 22.12
CA ILE A 193 17.25 -2.32 21.67
C ILE A 193 16.21 -1.45 22.37
N VAL A 194 16.35 -0.15 22.21
CA VAL A 194 15.32 0.79 22.62
C VAL A 194 15.34 1.91 21.60
N TRP A 195 14.17 2.36 21.18
CA TRP A 195 14.07 3.43 20.21
C TRP A 195 13.75 4.73 20.91
N GLY A 196 14.01 5.83 20.22
CA GLY A 196 13.63 7.15 20.71
C GLY A 196 13.04 7.98 19.59
N ARG A 197 12.61 9.19 19.93
CA ARG A 197 11.93 10.06 18.96
C ARG A 197 12.91 11.03 18.28
N LYS A 198 13.89 11.51 19.02
CA LYS A 198 14.77 12.56 18.54
C LYS A 198 16.13 11.97 18.25
N MET A 199 16.61 12.11 17.01
CA MET A 199 17.86 11.44 16.66
C MET A 199 19.10 12.29 16.93
N TYR A 200 18.94 13.35 17.72
CA TYR A 200 20.09 14.19 18.02
C TYR A 200 20.93 13.73 19.24
N HIS A 201 20.85 12.46 19.61
CA HIS A 201 21.51 12.00 20.82
C HIS A 201 22.69 11.04 20.59
N SER A 202 23.89 11.48 20.93
CA SER A 202 25.00 10.55 20.90
C SER A 202 24.43 9.17 21.27
N THR A 203 23.87 9.09 22.48
CA THR A 203 23.47 7.80 23.04
C THR A 203 22.10 7.85 23.73
N MET A 204 21.60 6.69 24.13
CA MET A 204 20.30 6.61 24.78
C MET A 204 20.36 7.35 26.11
N TYR A 205 21.56 7.43 26.67
CA TYR A 205 21.74 8.00 28.00
C TYR A 205 21.47 9.49 28.02
N ASP A 206 21.33 10.07 26.83
CA ASP A 206 21.10 11.50 26.67
C ASP A 206 19.63 11.81 26.49
N ASP A 207 18.81 10.76 26.39
CA ASP A 207 17.37 10.90 26.25
C ASP A 207 16.69 10.53 27.55
N PRO A 208 16.14 11.52 28.27
CA PRO A 208 15.60 11.29 29.58
C PRO A 208 14.35 10.40 29.56
N THR A 209 13.64 10.39 28.45
CA THR A 209 12.42 9.60 28.37
C THR A 209 12.77 8.12 28.35
N LEU A 210 14.05 7.82 28.10
CA LEU A 210 14.48 6.45 27.83
C LEU A 210 15.01 5.72 29.04
N ASN A 211 15.35 6.45 30.09
CA ASN A 211 15.90 5.85 31.28
C ASN A 211 15.11 4.63 31.76
N GLU A 212 13.78 4.75 31.80
CA GLU A 212 12.96 3.65 32.30
C GLU A 212 13.20 2.33 31.57
N PHE A 213 13.90 2.37 30.43
CA PHE A 213 14.10 1.13 29.66
C PHE A 213 15.46 0.47 29.87
N TYR A 214 16.28 1.03 30.75
CA TYR A 214 17.57 0.41 31.09
C TYR A 214 17.90 0.54 32.57
N MET B 5 1.98 27.90 -6.48
CA MET B 5 3.01 26.84 -6.64
C MET B 5 4.16 27.01 -5.65
N TYR B 6 4.97 28.05 -5.89
CA TYR B 6 6.25 28.21 -5.22
C TYR B 6 6.16 29.12 -4.00
N SER B 7 7.07 28.90 -3.06
CA SER B 7 7.05 29.62 -1.80
C SER B 7 8.44 29.57 -1.16
N GLU B 8 9.02 30.74 -0.89
CA GLU B 8 10.34 30.78 -0.31
C GLU B 8 10.40 31.47 1.04
N GLN B 9 11.54 31.32 1.69
CA GLN B 9 11.76 31.84 3.04
C GLN B 9 13.22 31.59 3.36
N GLY B 10 14.04 32.62 3.20
CA GLY B 10 15.49 32.48 3.37
C GLY B 10 16.23 33.26 2.32
N ILE B 11 17.55 33.14 2.32
CA ILE B 11 18.37 33.91 1.40
C ILE B 11 19.40 33.05 0.69
N ASN B 12 20.00 33.59 -0.36
CA ASN B 12 20.94 32.84 -1.18
C ASN B 12 20.38 31.47 -1.56
N ASN B 13 19.09 31.45 -1.87
CA ASN B 13 18.45 30.27 -2.40
C ASN B 13 18.40 30.39 -3.89
N THR B 14 18.93 29.40 -4.59
CA THR B 14 19.00 29.50 -6.04
C THR B 14 18.08 28.46 -6.67
N ILE B 15 17.09 28.94 -7.40
CA ILE B 15 16.10 28.06 -7.98
C ILE B 15 15.99 28.29 -9.48
N ASN B 16 16.44 27.34 -10.27
CA ASN B 16 16.37 27.49 -11.71
CA ASN B 16 16.35 27.50 -11.71
C ASN B 16 15.65 26.33 -12.37
N ILE B 17 14.44 26.62 -12.84
CA ILE B 17 13.62 25.66 -13.54
C ILE B 17 13.55 26.11 -15.00
N SER B 18 14.00 25.25 -15.91
CA SER B 18 13.96 25.57 -17.32
C SER B 18 12.55 25.99 -17.72
N THR B 19 12.46 26.99 -18.59
CA THR B 19 11.17 27.42 -19.14
C THR B 19 10.54 26.33 -19.99
N THR B 20 11.32 25.29 -20.31
CA THR B 20 10.82 24.24 -21.18
C THR B 20 10.29 23.04 -20.39
N SER B 21 10.40 23.13 -19.07
CA SER B 21 9.88 22.07 -18.19
C SER B 21 8.52 22.47 -17.65
N LEU B 22 7.70 21.47 -17.30
CA LEU B 22 6.37 21.70 -16.76
C LEU B 22 6.32 21.33 -15.29
N THR B 23 5.68 22.17 -14.49
CA THR B 23 5.55 21.93 -13.07
C THR B 23 4.09 22.06 -12.65
N ASN B 24 3.20 21.92 -13.62
CA ASN B 24 1.78 21.96 -13.38
C ASN B 24 1.37 21.29 -12.06
N ALA B 25 0.63 22.04 -11.25
CA ALA B 25 0.03 21.53 -10.01
C ALA B 25 1.04 21.17 -8.94
N THR B 26 2.28 21.58 -9.12
CA THR B 26 3.33 21.19 -8.20
C THR B 26 3.58 22.29 -7.18
N GLN B 27 3.87 21.89 -5.94
CA GLN B 27 4.24 22.84 -4.92
C GLN B 27 5.73 22.71 -4.63
N LEU B 28 6.41 23.83 -4.62
CA LEU B 28 7.81 23.88 -4.23
C LEU B 28 7.94 24.78 -3.01
N THR B 29 8.37 24.20 -1.90
CA THR B 29 8.60 24.96 -0.68
C THR B 29 10.07 24.90 -0.25
N VAL B 30 10.68 26.07 -0.12
CA VAL B 30 12.04 26.17 0.36
C VAL B 30 12.12 27.10 1.57
N ILE B 31 12.52 26.53 2.70
CA ILE B 31 12.60 27.24 3.97
C ILE B 31 14.01 27.07 4.50
N GLY B 32 14.81 28.13 4.42
CA GLY B 32 16.23 28.01 4.73
C GLY B 32 17.08 28.79 3.76
N ASN B 33 18.38 28.51 3.76
CA ASN B 33 19.32 29.35 3.03
C ASN B 33 20.37 28.57 2.24
N ASN B 34 20.93 29.22 1.22
CA ASN B 34 22.02 28.63 0.42
C ASN B 34 21.59 27.29 -0.12
N ASN B 35 20.32 27.22 -0.52
CA ASN B 35 19.76 26.02 -1.13
C ASN B 35 19.70 26.18 -2.65
N SER B 36 19.89 25.08 -3.35
CA SER B 36 19.80 25.13 -4.79
C SER B 36 18.86 24.07 -5.32
N VAL B 37 17.94 24.51 -6.17
CA VAL B 37 17.03 23.61 -6.86
C VAL B 37 17.25 23.73 -8.36
N TYR B 38 17.63 22.63 -9.00
CA TYR B 38 17.81 22.63 -10.45
C TYR B 38 16.92 21.60 -11.13
N ILE B 39 16.15 22.08 -12.09
CA ILE B 39 15.28 21.24 -12.88
C ILE B 39 15.58 21.49 -14.36
N GLY B 40 16.09 20.46 -15.04
CA GLY B 40 16.56 20.59 -16.41
C GLY B 40 15.47 20.79 -17.46
N ASN B 41 15.82 20.55 -18.72
CA ASN B 41 14.93 20.82 -19.83
C ASN B 41 14.06 19.62 -20.22
N ASN B 42 12.89 19.92 -20.78
CA ASN B 42 11.91 18.88 -21.13
C ASN B 42 11.50 18.02 -19.96
N CYS B 43 11.46 18.61 -18.78
CA CYS B 43 11.04 17.89 -17.60
C CYS B 43 9.55 18.10 -17.37
N LYS B 44 8.89 17.08 -16.83
CA LYS B 44 7.51 17.22 -16.42
C LYS B 44 7.42 16.83 -14.97
N ILE B 45 7.26 17.82 -14.11
CA ILE B 45 7.20 17.58 -12.68
C ILE B 45 5.84 18.04 -12.17
N VAL B 46 4.93 17.08 -12.07
CA VAL B 46 3.50 17.36 -11.98
C VAL B 46 2.86 16.78 -10.71
N SER B 47 1.88 17.50 -10.19
CA SER B 47 1.10 17.07 -9.03
C SER B 47 2.00 16.60 -7.90
N SER B 48 3.13 17.25 -7.74
CA SER B 48 4.07 16.85 -6.73
C SER B 48 4.14 17.84 -5.58
N ASN B 49 4.80 17.43 -4.51
CA ASN B 49 4.88 18.22 -3.32
C ASN B 49 6.30 18.10 -2.80
N ILE B 50 7.11 19.10 -3.08
CA ILE B 50 8.52 19.04 -2.77
C ILE B 50 8.92 20.08 -1.74
N ARG B 51 9.56 19.66 -0.66
CA ARG B 51 9.97 20.66 0.26
C ARG B 51 11.39 20.47 0.83
N LEU B 52 12.07 21.60 0.94
CA LEU B 52 13.43 21.66 1.45
C LEU B 52 13.39 22.50 2.68
N LYS B 53 13.88 21.96 3.78
CA LYS B 53 13.89 22.70 5.03
C LYS B 53 15.28 22.67 5.62
N GLY B 54 15.95 23.82 5.65
CA GLY B 54 17.30 23.89 6.18
C GLY B 54 18.24 24.54 5.20
N ASN B 55 19.54 24.29 5.39
CA ASN B 55 20.58 24.96 4.61
C ASN B 55 21.38 23.99 3.74
N ASN B 56 21.88 24.50 2.63
CA ASN B 56 22.83 23.77 1.77
C ASN B 56 22.23 22.48 1.24
N ILE B 57 20.94 22.53 0.91
CA ILE B 57 20.27 21.38 0.37
C ILE B 57 20.41 21.42 -1.15
N THR B 58 20.56 20.25 -1.76
CA THR B 58 20.75 20.18 -3.19
C THR B 58 19.70 19.32 -3.83
N LEU B 59 18.84 19.93 -4.66
CA LEU B 59 17.90 19.17 -5.47
C LEU B 59 18.23 19.35 -6.95
N PHE B 60 18.70 18.27 -7.57
CA PHE B 60 19.09 18.30 -8.96
C PHE B 60 18.26 17.28 -9.74
N ILE B 61 17.45 17.80 -10.66
CA ILE B 61 16.69 16.95 -11.59
C ILE B 61 17.16 17.24 -13.01
N ALA B 62 17.85 16.27 -13.60
CA ALA B 62 18.43 16.44 -14.93
C ALA B 62 17.36 16.49 -15.99
N ASP B 63 17.79 16.60 -17.24
CA ASP B 63 16.88 16.77 -18.35
C ASP B 63 16.03 15.53 -18.60
N ASP B 64 14.93 15.71 -19.29
CA ASP B 64 14.12 14.60 -19.75
C ASP B 64 13.65 13.72 -18.60
N VAL B 65 13.36 14.35 -17.47
CA VAL B 65 12.78 13.63 -16.33
C VAL B 65 11.30 13.93 -16.21
N GLU B 66 10.51 12.87 -15.99
CA GLU B 66 9.07 13.02 -15.81
C GLU B 66 8.64 12.40 -14.48
N ILE B 67 8.10 13.24 -13.60
CA ILE B 67 7.72 12.81 -12.25
C ILE B 67 6.30 13.23 -11.99
N MET B 68 5.48 12.31 -11.51
CA MET B 68 4.09 12.63 -11.24
C MET B 68 3.63 12.19 -9.86
N GLY B 69 3.30 13.15 -9.01
CA GLY B 69 2.78 12.87 -7.69
C GLY B 69 3.86 12.41 -6.72
N LEU B 70 5.02 13.04 -6.80
CA LEU B 70 6.09 12.77 -5.84
C LEU B 70 5.88 13.64 -4.61
N VAL B 71 5.99 13.03 -3.43
CA VAL B 71 6.05 13.79 -2.20
C VAL B 71 7.49 13.69 -1.75
N CYS B 72 8.15 14.83 -1.59
CA CYS B 72 9.58 14.80 -1.34
C CYS B 72 9.94 15.73 -0.21
N SER B 73 10.64 15.22 0.78
CA SER B 73 11.06 16.03 1.92
C SER B 73 12.59 16.02 2.00
N LEU B 74 13.18 17.20 1.94
CA LEU B 74 14.65 17.30 2.07
C LEU B 74 15.01 18.18 3.26
N HIS B 75 15.90 17.66 4.12
CA HIS B 75 16.39 18.38 5.27
C HIS B 75 17.79 18.94 5.05
N SER B 76 18.35 19.53 6.09
CA SER B 76 19.57 20.32 5.97
C SER B 76 20.73 19.49 5.40
N ASP B 77 21.47 20.09 4.48
CA ASP B 77 22.67 19.49 3.89
C ASP B 77 22.42 18.20 3.14
N CYS B 78 21.19 18.02 2.67
CA CYS B 78 20.83 16.80 1.94
C CYS B 78 20.84 17.08 0.46
N SER B 79 21.00 16.04 -0.35
CA SER B 79 20.88 16.21 -1.79
C SER B 79 20.18 15.05 -2.47
N LEU B 80 19.30 15.42 -3.40
CA LEU B 80 18.59 14.46 -4.21
C LEU B 80 19.06 14.69 -5.63
N GLN B 81 19.53 13.63 -6.27
CA GLN B 81 19.98 13.71 -7.64
C GLN B 81 19.27 12.66 -8.49
N ILE B 82 18.58 13.14 -9.51
CA ILE B 82 17.84 12.29 -10.41
C ILE B 82 18.35 12.52 -11.82
N GLN B 83 19.03 11.52 -12.37
CA GLN B 83 19.61 11.63 -13.70
C GLN B 83 18.57 11.55 -14.83
N ALA B 84 19.03 11.70 -16.05
CA ALA B 84 18.19 12.11 -17.17
C ALA B 84 17.37 10.97 -17.79
N LYS B 85 16.18 11.30 -18.25
CA LYS B 85 15.35 10.33 -18.95
C LYS B 85 14.63 9.43 -17.94
N THR B 86 14.77 9.74 -16.66
CA THR B 86 14.10 8.95 -15.64
C THR B 86 12.65 9.35 -15.54
N THR B 87 11.80 8.33 -15.35
CA THR B 87 10.37 8.53 -15.18
C THR B 87 9.97 8.01 -13.81
N MET B 88 9.07 8.72 -13.14
CA MET B 88 8.62 8.27 -11.83
C MET B 88 7.14 8.53 -11.68
N GLY B 89 6.42 7.53 -11.17
CA GLY B 89 5.02 7.70 -10.81
C GLY B 89 4.88 8.26 -9.40
N ASN B 90 3.77 7.93 -8.75
CA ASN B 90 3.51 8.37 -7.38
C ASN B 90 4.45 7.72 -6.40
N GLY B 91 4.90 8.49 -5.42
CA GLY B 91 5.80 7.97 -4.44
C GLY B 91 6.34 9.01 -3.49
N GLU B 92 7.24 8.56 -2.62
CA GLU B 92 7.78 9.41 -1.58
C GLU B 92 9.25 9.17 -1.52
N ILE B 93 10.00 10.25 -1.33
CA ILE B 93 11.42 10.18 -1.06
C ILE B 93 11.68 11.04 0.17
N THR B 94 12.37 10.49 1.16
CA THR B 94 12.70 11.26 2.36
C THR B 94 14.21 11.23 2.61
N ILE B 95 14.80 12.41 2.79
CA ILE B 95 16.23 12.48 3.03
C ILE B 95 16.55 13.32 4.26
N ALA B 96 17.36 12.78 5.16
CA ALA B 96 17.76 13.53 6.34
C ALA B 96 19.13 13.05 6.75
N GLU B 97 19.58 13.50 7.91
CA GLU B 97 20.91 13.18 8.37
C GLU B 97 21.97 13.65 7.35
N LYS B 98 21.74 14.82 6.76
CA LYS B 98 22.66 15.41 5.78
C LYS B 98 23.23 14.34 4.87
N GLY B 99 22.34 13.53 4.32
CA GLY B 99 22.74 12.40 3.52
C GLY B 99 22.37 12.59 2.07
N LYS B 100 22.45 11.50 1.34
CA LYS B 100 22.41 11.53 -0.11
C LYS B 100 21.57 10.40 -0.72
N ILE B 101 20.72 10.75 -1.68
CA ILE B 101 20.08 9.76 -2.54
C ILE B 101 20.24 10.17 -4.01
N SER B 102 20.77 9.27 -4.82
CA SER B 102 20.79 9.50 -6.27
C SER B 102 20.09 8.40 -7.07
N ILE B 103 19.49 8.82 -8.17
CA ILE B 103 18.76 7.97 -9.08
C ILE B 103 19.33 8.17 -10.47
N GLY B 104 19.76 7.07 -11.07
CA GLY B 104 20.49 7.10 -12.34
C GLY B 104 19.64 7.50 -13.51
N LYS B 105 20.22 7.43 -14.70
CA LYS B 105 19.51 7.79 -15.92
C LYS B 105 18.63 6.65 -16.43
N ASP B 106 17.55 7.05 -17.09
CA ASP B 106 16.65 6.13 -17.73
C ASP B 106 16.09 5.12 -16.75
N CYS B 107 15.77 5.58 -15.54
CA CYS B 107 15.10 4.73 -14.58
C CYS B 107 13.59 4.83 -14.76
N MET B 108 12.90 3.75 -14.41
CA MET B 108 11.46 3.69 -14.52
C MET B 108 10.85 3.27 -13.17
N LEU B 109 10.35 4.25 -12.42
CA LEU B 109 9.83 3.99 -11.07
C LEU B 109 8.31 4.04 -11.06
N ALA B 110 7.68 2.90 -10.79
CA ALA B 110 6.23 2.78 -10.83
C ALA B 110 5.60 3.30 -9.54
N HIS B 111 4.30 3.62 -9.63
CA HIS B 111 3.55 4.15 -8.51
C HIS B 111 3.86 3.38 -7.24
N GLY B 112 3.96 4.11 -6.14
CA GLY B 112 4.01 3.49 -4.84
C GLY B 112 5.41 3.29 -4.31
N TYR B 113 6.42 3.82 -5.00
CA TYR B 113 7.78 3.69 -4.51
C TYR B 113 7.90 4.50 -3.23
N GLU B 114 8.73 4.01 -2.32
CA GLU B 114 9.08 4.72 -1.11
C GLU B 114 10.57 4.58 -0.96
N ILE B 115 11.27 5.71 -0.89
CA ILE B 115 12.71 5.70 -0.86
C ILE B 115 13.24 6.64 0.24
N ARG B 116 14.15 6.15 1.07
CA ARG B 116 14.63 6.91 2.21
C ARG B 116 16.01 6.48 2.64
N ASN B 117 16.80 7.44 3.10
CA ASN B 117 18.14 7.16 3.63
C ASN B 117 18.16 7.13 5.15
N THR B 118 16.98 7.29 5.76
CA THR B 118 16.89 7.51 7.19
C THR B 118 15.63 6.89 7.76
N ASP B 119 15.67 6.49 9.03
CA ASP B 119 14.47 6.02 9.73
C ASP B 119 13.74 7.17 10.40
N MET B 120 14.40 8.33 10.40
CA MET B 120 13.87 9.56 10.98
C MET B 120 13.90 9.56 12.51
N HIS B 121 14.09 8.40 13.11
CA HIS B 121 14.18 8.27 14.57
C HIS B 121 15.25 7.25 14.92
N PRO B 122 15.94 7.48 16.05
CA PRO B 122 17.03 6.62 16.49
C PRO B 122 16.60 5.30 17.12
N ILE B 123 17.35 4.25 16.83
CA ILE B 123 17.24 3.03 17.58
C ILE B 123 18.60 2.83 18.20
N TYR B 124 18.63 2.56 19.51
CA TYR B 124 19.90 2.34 20.21
C TYR B 124 20.03 0.91 20.71
N SER B 125 21.26 0.44 20.85
CA SER B 125 21.50 -0.86 21.43
C SER B 125 21.43 -0.73 22.95
N LEU B 126 20.68 -1.63 23.57
CA LEU B 126 20.59 -1.64 25.02
C LEU B 126 21.94 -2.07 25.58
N GLU B 127 22.71 -2.77 24.75
CA GLU B 127 23.96 -3.38 25.20
C GLU B 127 25.07 -2.35 25.45
N ASN B 128 25.18 -1.35 24.58
CA ASN B 128 26.22 -0.33 24.72
C ASN B 128 25.69 1.10 24.57
N GLY B 129 24.37 1.25 24.55
CA GLY B 129 23.73 2.57 24.50
C GLY B 129 23.93 3.33 23.20
N GLU B 130 24.67 2.74 22.27
CA GLU B 130 24.96 3.43 21.02
C GLU B 130 23.76 3.38 20.09
N ARG B 131 23.65 4.39 19.24
CA ARG B 131 22.73 4.34 18.12
C ARG B 131 23.21 3.32 17.09
N ILE B 132 22.28 2.58 16.47
CA ILE B 132 22.67 1.55 15.52
C ILE B 132 22.01 1.66 14.16
N ASN B 133 21.20 2.69 13.96
CA ASN B 133 20.52 2.88 12.67
C ASN B 133 20.84 4.24 12.05
N HIS B 134 22.12 4.61 12.04
CA HIS B 134 22.52 5.84 11.40
C HIS B 134 22.06 5.81 9.97
N GLY B 135 21.61 6.96 9.47
CA GLY B 135 21.23 7.08 8.07
C GLY B 135 22.39 6.67 7.16
N LYS B 136 22.05 6.20 5.96
CA LYS B 136 23.03 5.80 4.95
C LYS B 136 22.51 6.10 3.56
N ASP B 137 23.40 6.57 2.69
CA ASP B 137 23.04 6.98 1.33
C ASP B 137 22.35 5.89 0.50
N VAL B 138 21.48 6.33 -0.41
CA VAL B 138 20.83 5.41 -1.35
C VAL B 138 21.35 5.67 -2.74
N ILE B 139 21.83 4.61 -3.39
CA ILE B 139 22.35 4.72 -4.74
C ILE B 139 21.54 3.81 -5.67
N ILE B 140 20.74 4.42 -6.54
CA ILE B 140 19.98 3.66 -7.51
C ILE B 140 20.64 3.82 -8.88
N GLY B 141 21.14 2.71 -9.41
CA GLY B 141 21.98 2.76 -10.60
C GLY B 141 21.21 3.18 -11.84
N ASN B 142 21.92 3.15 -12.97
CA ASN B 142 21.33 3.53 -14.25
C ASN B 142 20.31 2.49 -14.70
N HIS B 143 19.27 2.93 -15.39
CA HIS B 143 18.35 2.01 -16.01
C HIS B 143 17.80 0.99 -15.02
N VAL B 144 17.17 1.49 -13.97
CA VAL B 144 16.53 0.62 -12.99
C VAL B 144 15.02 0.78 -13.07
N TRP B 145 14.35 -0.36 -13.10
CA TRP B 145 12.88 -0.42 -13.12
C TRP B 145 12.35 -0.96 -11.79
N LEU B 146 11.68 -0.10 -11.03
CA LEU B 146 11.07 -0.54 -9.79
C LEU B 146 9.62 -0.82 -10.09
N GLY B 147 9.18 -2.05 -9.82
CA GLY B 147 7.78 -2.40 -9.91
C GLY B 147 6.99 -1.60 -8.89
N ARG B 148 5.69 -1.82 -8.87
CA ARG B 148 4.79 -1.09 -8.00
C ARG B 148 5.13 -1.28 -6.55
N ASN B 149 4.87 -0.24 -5.76
CA ASN B 149 4.91 -0.36 -4.32
C ASN B 149 6.18 -1.05 -3.85
N VAL B 150 7.30 -0.61 -4.42
CA VAL B 150 8.61 -1.06 -4.00
C VAL B 150 9.13 -0.10 -2.94
N THR B 151 9.79 -0.64 -1.94
CA THR B 151 10.33 0.17 -0.87
C THR B 151 11.85 0.03 -0.84
N ILE B 152 12.54 1.17 -0.87
CA ILE B 152 13.99 1.22 -0.87
C ILE B 152 14.46 1.98 0.37
N LEU B 153 15.09 1.25 1.29
CA LEU B 153 15.46 1.76 2.61
C LEU B 153 16.94 2.21 2.64
N LYS B 154 17.42 2.56 3.84
CA LYS B 154 18.69 3.25 3.96
C LYS B 154 19.88 2.42 3.53
N GLY B 155 20.87 3.09 2.95
CA GLY B 155 22.13 2.45 2.61
C GLY B 155 22.06 1.46 1.46
N VAL B 156 20.91 1.36 0.80
CA VAL B 156 20.75 0.37 -0.27
C VAL B 156 21.33 0.84 -1.62
N CYS B 157 22.15 -0.01 -2.21
CA CYS B 157 22.72 0.26 -3.52
CA CYS B 157 22.73 0.26 -3.52
C CYS B 157 22.18 -0.72 -4.55
N ILE B 158 21.61 -0.19 -5.63
CA ILE B 158 21.08 -1.03 -6.69
C ILE B 158 21.89 -0.89 -7.98
N PRO B 159 22.40 -2.02 -8.47
CA PRO B 159 23.21 -2.07 -9.70
C PRO B 159 22.46 -1.58 -10.93
N ASN B 160 23.21 -1.28 -11.97
CA ASN B 160 22.64 -0.88 -13.25
C ASN B 160 21.79 -1.99 -13.87
N ASN B 161 20.79 -1.57 -14.64
CA ASN B 161 19.97 -2.51 -15.41
C ASN B 161 19.48 -3.65 -14.54
N VAL B 162 18.61 -3.28 -13.60
CA VAL B 162 18.07 -4.22 -12.64
C VAL B 162 16.57 -4.00 -12.64
N VAL B 163 15.82 -5.04 -12.36
CA VAL B 163 14.38 -4.91 -12.24
C VAL B 163 14.03 -5.36 -10.83
N VAL B 164 13.23 -4.57 -10.13
CA VAL B 164 12.76 -4.95 -8.81
C VAL B 164 11.28 -5.31 -8.90
N GLY B 165 10.96 -6.53 -8.46
CA GLY B 165 9.58 -7.03 -8.52
C GLY B 165 8.57 -6.29 -7.64
N SER B 166 7.33 -6.28 -8.10
CA SER B 166 6.22 -5.60 -7.44
C SER B 166 6.16 -5.91 -5.95
N HIS B 167 6.08 -4.86 -5.14
CA HIS B 167 5.89 -4.97 -3.70
C HIS B 167 7.09 -5.55 -2.96
N THR B 168 8.25 -5.56 -3.60
CA THR B 168 9.47 -5.97 -2.91
C THR B 168 9.94 -4.90 -1.93
N VAL B 169 10.54 -5.32 -0.84
CA VAL B 169 11.19 -4.38 0.07
C VAL B 169 12.69 -4.62 0.06
N LEU B 170 13.46 -3.57 -0.10
CA LEU B 170 14.90 -3.71 -0.16
C LEU B 170 15.52 -3.00 1.05
N TYR B 171 16.22 -3.79 1.86
CA TYR B 171 16.91 -3.26 3.03
C TYR B 171 18.40 -3.51 2.90
N LYS B 172 18.81 -4.08 1.78
CA LYS B 172 20.18 -4.53 1.60
C LYS B 172 20.65 -4.22 0.18
N SER B 173 21.94 -4.01 0.01
CA SER B 173 22.50 -3.70 -1.30
C SER B 173 22.73 -4.94 -2.16
N PHE B 174 22.61 -4.77 -3.47
CA PHE B 174 22.97 -5.81 -4.43
C PHE B 174 24.13 -5.30 -5.29
N LYS B 175 24.96 -6.20 -5.81
CA LYS B 175 26.13 -5.78 -6.57
C LYS B 175 26.11 -6.27 -8.02
N GLU B 176 25.20 -7.20 -8.31
CA GLU B 176 25.09 -7.82 -9.62
C GLU B 176 24.16 -7.05 -10.56
N PRO B 177 24.67 -6.57 -11.70
CA PRO B 177 23.82 -5.92 -12.67
C PRO B 177 23.06 -6.92 -13.53
N ASN B 178 22.16 -6.44 -14.40
CA ASN B 178 21.52 -7.31 -15.39
C ASN B 178 20.67 -8.41 -14.78
N CYS B 179 19.91 -8.11 -13.74
CA CYS B 179 19.19 -9.16 -13.07
C CYS B 179 17.83 -8.66 -12.56
N VAL B 180 16.97 -9.60 -12.19
CA VAL B 180 15.69 -9.27 -11.56
C VAL B 180 15.76 -9.64 -10.08
N ILE B 181 15.21 -8.76 -9.25
CA ILE B 181 15.24 -8.95 -7.80
C ILE B 181 13.82 -8.95 -7.30
N ALA B 182 13.50 -9.96 -6.47
CA ALA B 182 12.14 -10.09 -5.96
C ALA B 182 12.08 -10.96 -4.71
N GLY B 183 10.90 -10.99 -4.09
CA GLY B 183 10.67 -11.84 -2.94
C GLY B 183 11.08 -11.24 -1.59
N SER B 184 10.77 -12.00 -0.54
CA SER B 184 11.02 -11.61 0.82
C SER B 184 11.60 -12.81 1.52
N PRO B 185 12.87 -12.74 1.93
CA PRO B 185 13.76 -11.59 1.71
C PRO B 185 14.13 -11.39 0.23
N ALA B 186 14.37 -10.14 -0.16
CA ALA B 186 14.67 -9.82 -1.54
C ALA B 186 15.90 -10.58 -2.01
N LYS B 187 15.81 -11.20 -3.18
CA LYS B 187 16.96 -11.89 -3.74
C LYS B 187 16.91 -11.91 -5.26
N ILE B 188 18.08 -12.08 -5.87
CA ILE B 188 18.19 -12.26 -7.31
C ILE B 188 17.37 -13.47 -7.66
N VAL B 189 16.48 -13.30 -8.62
CA VAL B 189 15.51 -14.33 -8.91
C VAL B 189 15.61 -14.67 -10.40
N LYS B 190 16.23 -13.77 -11.16
CA LYS B 190 16.57 -14.04 -12.55
C LYS B 190 17.85 -13.29 -12.96
N GLU B 191 18.63 -13.89 -13.86
CA GLU B 191 19.95 -13.36 -14.21
C GLU B 191 20.14 -13.13 -15.68
N ASN B 192 21.05 -12.24 -16.03
CA ASN B 192 21.46 -12.01 -17.41
C ASN B 192 20.34 -11.49 -18.32
N ILE B 193 19.66 -10.44 -17.86
CA ILE B 193 18.54 -9.88 -18.59
C ILE B 193 18.73 -8.38 -18.82
N VAL B 194 17.81 -7.81 -19.58
CA VAL B 194 17.78 -6.36 -19.73
C VAL B 194 16.36 -5.96 -20.05
N TRP B 195 15.89 -4.90 -19.39
CA TRP B 195 14.51 -4.48 -19.55
C TRP B 195 14.42 -3.27 -20.45
N GLY B 196 13.26 -3.11 -21.08
CA GLY B 196 12.98 -1.97 -21.94
C GLY B 196 11.61 -1.40 -21.61
N ARG B 197 11.28 -0.28 -22.25
CA ARG B 197 10.04 0.42 -21.94
C ARG B 197 8.91 0.02 -22.88
N LYS B 198 9.26 -0.20 -24.15
CA LYS B 198 8.26 -0.45 -25.16
C LYS B 198 8.12 -1.94 -25.45
N MET B 199 6.91 -2.46 -25.28
CA MET B 199 6.65 -3.88 -25.50
C MET B 199 6.71 -4.19 -26.99
N TYR B 200 6.26 -3.24 -27.80
CA TYR B 200 6.17 -3.45 -29.23
C TYR B 200 7.53 -3.70 -29.87
N HIS B 201 8.59 -3.71 -29.07
CA HIS B 201 9.90 -4.16 -29.55
C HIS B 201 10.08 -5.64 -29.24
N SER B 202 10.16 -6.44 -30.29
CA SER B 202 10.23 -7.89 -30.18
C SER B 202 11.48 -8.31 -29.42
N THR B 203 12.59 -7.66 -29.74
CA THR B 203 13.86 -8.04 -29.13
C THR B 203 14.59 -6.79 -28.72
N MET B 204 15.61 -6.96 -27.90
CA MET B 204 16.37 -5.83 -27.43
C MET B 204 16.98 -5.06 -28.60
N TYR B 205 17.43 -5.78 -29.62
CA TYR B 205 18.09 -5.18 -30.78
C TYR B 205 17.21 -4.17 -31.53
N ASP B 206 15.91 -4.26 -31.28
CA ASP B 206 14.95 -3.38 -31.94
C ASP B 206 14.81 -2.11 -31.12
N ASP B 207 15.45 -2.09 -29.95
CA ASP B 207 15.37 -0.94 -29.06
C ASP B 207 16.69 -0.19 -29.01
N PRO B 208 16.72 1.01 -29.62
CA PRO B 208 17.95 1.79 -29.79
C PRO B 208 18.61 2.13 -28.46
N THR B 209 17.80 2.34 -27.43
CA THR B 209 18.30 2.78 -26.14
C THR B 209 18.95 1.66 -25.35
N LEU B 210 18.91 0.45 -25.90
CA LEU B 210 19.43 -0.72 -25.19
C LEU B 210 20.80 -1.16 -25.73
N ASN B 211 21.26 -0.49 -26.78
CA ASN B 211 22.55 -0.78 -27.36
C ASN B 211 23.63 -1.02 -26.31
N GLU B 212 23.81 -0.06 -25.42
CA GLU B 212 24.90 -0.11 -24.47
C GLU B 212 24.88 -1.38 -23.60
N PHE B 213 23.68 -1.85 -23.26
CA PHE B 213 23.54 -2.93 -22.28
C PHE B 213 23.89 -4.31 -22.85
N TYR B 214 23.91 -4.42 -24.17
CA TYR B 214 24.47 -5.61 -24.78
C TYR B 214 25.70 -5.20 -25.60
N LYS B 215 26.81 -5.86 -25.34
CA LYS B 215 28.10 -5.42 -25.87
C LYS B 215 28.90 -6.55 -26.50
N MET C 5 -19.63 9.74 -17.10
CA MET C 5 -19.85 9.86 -18.58
C MET C 5 -19.68 8.51 -19.29
N TYR C 6 -20.54 8.29 -20.28
CA TYR C 6 -20.38 7.20 -21.21
C TYR C 6 -19.77 7.76 -22.48
N SER C 7 -18.85 7.02 -23.09
CA SER C 7 -18.16 7.54 -24.26
C SER C 7 -17.68 6.42 -25.18
N GLU C 8 -18.02 6.54 -26.46
CA GLU C 8 -17.80 5.47 -27.41
C GLU C 8 -17.42 6.00 -28.80
N GLN C 9 -16.42 5.39 -29.41
CA GLN C 9 -15.92 5.82 -30.72
C GLN C 9 -15.38 4.62 -31.52
N GLY C 10 -15.83 4.51 -32.78
CA GLY C 10 -15.44 3.40 -33.65
C GLY C 10 -16.64 2.71 -34.24
N ILE C 11 -16.45 1.49 -34.74
CA ILE C 11 -17.52 0.77 -35.43
C ILE C 11 -17.77 -0.61 -34.82
N ASN C 12 -18.99 -1.12 -35.02
CA ASN C 12 -19.49 -2.31 -34.32
C ASN C 12 -19.05 -2.42 -32.85
N ASN C 13 -19.19 -1.32 -32.13
CA ASN C 13 -19.01 -1.34 -30.68
C ASN C 13 -20.37 -1.57 -30.04
N THR C 14 -20.48 -2.65 -29.28
CA THR C 14 -21.75 -2.98 -28.67
C THR C 14 -21.70 -2.78 -27.15
N ILE C 15 -22.75 -2.17 -26.61
CA ILE C 15 -22.76 -1.79 -25.21
C ILE C 15 -24.11 -2.05 -24.60
N ASN C 16 -24.18 -3.09 -23.75
CA ASN C 16 -25.43 -3.48 -23.11
C ASN C 16 -25.34 -3.34 -21.59
N ILE C 17 -26.17 -2.48 -21.04
CA ILE C 17 -26.15 -2.18 -19.61
C ILE C 17 -27.57 -2.10 -19.09
N SER C 18 -28.00 -3.10 -18.33
CA SER C 18 -29.39 -3.19 -17.90
C SER C 18 -29.84 -1.88 -17.26
N THR C 19 -31.12 -1.56 -17.40
CA THR C 19 -31.66 -0.34 -16.80
C THR C 19 -31.88 -0.52 -15.29
N THR C 20 -31.69 -1.75 -14.80
CA THR C 20 -31.87 -2.05 -13.36
C THR C 20 -30.56 -1.95 -12.61
N SER C 21 -29.50 -1.63 -13.33
CA SER C 21 -28.18 -1.50 -12.74
C SER C 21 -27.82 -0.04 -12.51
N LEU C 22 -26.92 0.20 -11.57
CA LEU C 22 -26.48 1.55 -11.23
C LEU C 22 -25.04 1.75 -11.67
N THR C 23 -24.79 2.85 -12.35
CA THR C 23 -23.43 3.17 -12.79
C THR C 23 -22.97 4.55 -12.31
N ASN C 24 -23.53 5.00 -11.19
CA ASN C 24 -23.22 6.33 -10.65
C ASN C 24 -21.73 6.64 -10.58
N ALA C 25 -21.36 7.80 -11.09
CA ALA C 25 -19.99 8.30 -10.98
C ALA C 25 -18.98 7.45 -11.73
N THR C 26 -19.44 6.58 -12.62
CA THR C 26 -18.51 5.76 -13.38
C THR C 26 -18.28 6.31 -14.79
N GLN C 27 -17.02 6.35 -15.20
CA GLN C 27 -16.66 6.67 -16.58
C GLN C 27 -16.36 5.39 -17.35
N LEU C 28 -17.04 5.21 -18.48
CA LEU C 28 -16.73 4.11 -19.38
C LEU C 28 -16.29 4.64 -20.74
N THR C 29 -15.15 4.18 -21.21
CA THR C 29 -14.62 4.65 -22.48
C THR C 29 -14.21 3.50 -23.40
N VAL C 30 -14.78 3.53 -24.61
CA VAL C 30 -14.54 2.51 -25.61
C VAL C 30 -14.05 3.16 -26.90
N ILE C 31 -12.81 2.88 -27.28
CA ILE C 31 -12.25 3.44 -28.50
C ILE C 31 -11.63 2.33 -29.36
N GLY C 32 -12.23 2.09 -30.52
CA GLY C 32 -11.82 0.97 -31.38
C GLY C 32 -13.02 0.33 -32.02
N ASN C 33 -12.87 -0.91 -32.51
CA ASN C 33 -13.96 -1.59 -33.19
C ASN C 33 -14.21 -3.02 -32.71
N ASN C 34 -15.45 -3.47 -32.90
CA ASN C 34 -15.88 -4.80 -32.48
C ASN C 34 -15.60 -5.03 -31.00
N ASN C 35 -15.80 -3.98 -30.22
CA ASN C 35 -15.71 -4.10 -28.78
C ASN C 35 -17.11 -4.31 -28.22
N SER C 36 -17.19 -5.08 -27.13
CA SER C 36 -18.47 -5.41 -26.54
C SER C 36 -18.39 -5.24 -25.03
N VAL C 37 -19.41 -4.62 -24.46
CA VAL C 37 -19.47 -4.42 -23.03
C VAL C 37 -20.83 -4.87 -22.53
N TYR C 38 -20.82 -5.80 -21.59
CA TYR C 38 -22.07 -6.26 -21.02
C TYR C 38 -22.08 -6.10 -19.51
N ILE C 39 -23.13 -5.45 -19.02
CA ILE C 39 -23.36 -5.34 -17.58
C ILE C 39 -24.78 -5.82 -17.31
N GLY C 40 -24.88 -6.89 -16.55
CA GLY C 40 -26.15 -7.56 -16.30
C GLY C 40 -27.04 -6.83 -15.33
N ASN C 41 -27.96 -7.57 -14.73
CA ASN C 41 -29.02 -7.01 -13.90
C ASN C 41 -28.65 -6.79 -12.43
N ASN C 42 -29.18 -5.71 -11.87
CA ASN C 42 -29.02 -5.40 -10.43
C ASN C 42 -27.56 -5.27 -10.06
N CYS C 43 -26.78 -4.63 -10.92
CA CYS C 43 -25.40 -4.38 -10.65
C CYS C 43 -25.23 -3.00 -10.07
N LYS C 44 -24.14 -2.80 -9.34
CA LYS C 44 -23.73 -1.47 -8.91
C LYS C 44 -22.26 -1.34 -9.28
N ILE C 45 -21.99 -0.58 -10.32
CA ILE C 45 -20.63 -0.32 -10.77
C ILE C 45 -20.39 1.16 -10.57
N VAL C 46 -19.89 1.54 -9.40
CA VAL C 46 -19.88 2.95 -9.04
C VAL C 46 -18.46 3.53 -8.90
N SER C 47 -18.35 4.83 -9.15
CA SER C 47 -17.09 5.55 -8.99
C SER C 47 -15.95 4.79 -9.65
N SER C 48 -16.24 4.19 -10.78
CA SER C 48 -15.24 3.40 -11.47
C SER C 48 -14.79 4.07 -12.77
N ASN C 49 -13.59 3.72 -13.20
CA ASN C 49 -13.03 4.28 -14.43
C ASN C 49 -12.65 3.15 -15.37
N ILE C 50 -13.45 2.95 -16.42
CA ILE C 50 -13.27 1.79 -17.27
C ILE C 50 -12.98 2.18 -18.71
N ARG C 51 -11.90 1.60 -19.22
CA ARG C 51 -11.29 2.07 -20.43
C ARG C 51 -10.99 0.89 -21.35
N LEU C 52 -11.64 0.87 -22.51
CA LEU C 52 -11.36 -0.12 -23.56
C LEU C 52 -10.79 0.58 -24.77
N LYS C 53 -9.56 0.26 -25.13
CA LYS C 53 -8.90 0.94 -26.25
C LYS C 53 -8.23 -0.10 -27.12
N GLY C 54 -8.77 -0.29 -28.33
CA GLY C 54 -8.29 -1.33 -29.25
C GLY C 54 -9.41 -2.05 -29.99
N ASN C 55 -9.14 -3.24 -30.51
CA ASN C 55 -10.15 -3.97 -31.27
C ASN C 55 -10.56 -5.30 -30.64
N ASN C 56 -11.82 -5.68 -30.82
CA ASN C 56 -12.32 -6.95 -30.34
C ASN C 56 -12.09 -7.10 -28.85
N ILE C 57 -12.53 -6.09 -28.10
CA ILE C 57 -12.40 -6.16 -26.66
C ILE C 57 -13.74 -6.51 -26.06
N THR C 58 -13.71 -7.37 -25.04
CA THR C 58 -14.93 -7.84 -24.41
C THR C 58 -14.85 -7.64 -22.91
N LEU C 59 -15.78 -6.86 -22.39
CA LEU C 59 -15.98 -6.73 -20.95
C LEU C 59 -17.36 -7.30 -20.64
N PHE C 60 -17.38 -8.38 -19.86
CA PHE C 60 -18.63 -9.01 -19.48
C PHE C 60 -18.73 -9.05 -17.96
N ILE C 61 -19.78 -8.44 -17.43
CA ILE C 61 -20.01 -8.44 -16.01
C ILE C 61 -21.40 -8.98 -15.76
N ALA C 62 -21.50 -10.10 -15.06
CA ALA C 62 -22.79 -10.76 -14.85
C ALA C 62 -23.71 -10.00 -13.90
N ASP C 63 -24.80 -10.66 -13.54
CA ASP C 63 -25.81 -10.12 -12.66
C ASP C 63 -25.37 -10.03 -11.22
N ASP C 64 -25.93 -9.04 -10.52
CA ASP C 64 -25.74 -8.88 -9.09
C ASP C 64 -24.28 -8.70 -8.78
N VAL C 65 -23.57 -7.98 -9.63
CA VAL C 65 -22.18 -7.66 -9.34
C VAL C 65 -22.08 -6.23 -8.80
N GLU C 66 -21.27 -6.07 -7.77
CA GLU C 66 -21.08 -4.76 -7.17
C GLU C 66 -19.62 -4.39 -7.19
N ILE C 67 -19.33 -3.27 -7.82
CA ILE C 67 -17.97 -2.79 -7.96
C ILE C 67 -17.94 -1.33 -7.60
N MET C 68 -17.00 -0.94 -6.75
CA MET C 68 -16.90 0.46 -6.35
CA MET C 68 -16.90 0.46 -6.37
C MET C 68 -15.44 0.93 -6.40
N GLY C 69 -15.15 1.84 -7.32
CA GLY C 69 -13.81 2.40 -7.42
C GLY C 69 -12.85 1.55 -8.22
N LEU C 70 -13.36 0.77 -9.17
CA LEU C 70 -12.47 -0.04 -10.01
C LEU C 70 -11.81 0.82 -11.08
N VAL C 71 -10.49 0.71 -11.19
CA VAL C 71 -9.76 1.32 -12.30
C VAL C 71 -9.32 0.22 -13.23
N CYS C 72 -9.89 0.22 -14.44
CA CYS C 72 -9.75 -0.90 -15.35
C CYS C 72 -9.28 -0.50 -16.73
N SER C 73 -8.23 -1.16 -17.21
CA SER C 73 -7.66 -0.83 -18.50
CA SER C 73 -7.66 -0.82 -18.51
C SER C 73 -7.56 -2.09 -19.36
N LEU C 74 -8.22 -2.08 -20.52
CA LEU C 74 -8.20 -3.22 -21.42
C LEU C 74 -7.70 -2.78 -22.80
N HIS C 75 -6.75 -3.53 -23.35
CA HIS C 75 -6.23 -3.25 -24.69
C HIS C 75 -6.78 -4.25 -25.72
N SER C 76 -6.52 -3.99 -27.00
CA SER C 76 -7.16 -4.74 -28.07
C SER C 76 -7.03 -6.26 -27.90
N ASP C 77 -8.08 -6.96 -28.26
CA ASP C 77 -8.14 -8.43 -28.21
C ASP C 77 -8.09 -8.99 -26.78
N CYS C 78 -8.33 -8.12 -25.80
CA CYS C 78 -8.34 -8.52 -24.41
C CYS C 78 -9.79 -8.71 -23.92
N SER C 79 -9.98 -9.54 -22.91
CA SER C 79 -11.30 -9.70 -22.33
C SER C 79 -11.26 -9.81 -20.82
N LEU C 80 -12.18 -9.13 -20.16
CA LEU C 80 -12.39 -9.33 -18.73
C LEU C 80 -13.78 -9.89 -18.50
N GLN C 81 -13.86 -10.98 -17.74
CA GLN C 81 -15.13 -11.59 -17.36
C GLN C 81 -15.29 -11.66 -15.85
N ILE C 82 -16.41 -11.16 -15.35
CA ILE C 82 -16.72 -11.18 -13.93
C ILE C 82 -18.09 -11.79 -13.70
N GLN C 83 -18.10 -12.95 -13.05
CA GLN C 83 -19.31 -13.75 -12.93
C GLN C 83 -20.18 -13.29 -11.78
N ALA C 84 -21.34 -13.94 -11.63
CA ALA C 84 -22.43 -13.36 -10.87
C ALA C 84 -22.13 -13.26 -9.39
N LYS C 85 -22.69 -12.23 -8.76
CA LYS C 85 -22.71 -12.11 -7.30
C LYS C 85 -21.38 -11.65 -6.71
N THR C 86 -20.41 -11.40 -7.58
CA THR C 86 -19.08 -11.03 -7.10
C THR C 86 -19.09 -9.59 -6.63
N THR C 87 -18.38 -9.31 -5.54
CA THR C 87 -18.28 -7.95 -5.02
C THR C 87 -16.84 -7.50 -5.03
N MET C 88 -16.63 -6.22 -5.29
CA MET C 88 -15.30 -5.67 -5.47
C MET C 88 -15.24 -4.25 -4.96
N GLY C 89 -14.19 -3.92 -4.20
CA GLY C 89 -13.98 -2.56 -3.70
C GLY C 89 -12.97 -1.82 -4.59
N ASN C 90 -12.34 -0.78 -4.03
CA ASN C 90 -11.35 -0.02 -4.80
C ASN C 90 -10.25 -0.91 -5.30
N GLY C 91 -9.84 -0.71 -6.55
CA GLY C 91 -8.82 -1.56 -7.12
C GLY C 91 -8.53 -1.33 -8.58
N GLU C 92 -7.63 -2.16 -9.09
CA GLU C 92 -7.08 -1.97 -10.41
C GLU C 92 -6.93 -3.29 -11.15
N ILE C 93 -7.34 -3.28 -12.42
CA ILE C 93 -7.21 -4.44 -13.27
C ILE C 93 -6.70 -3.99 -14.62
N THR C 94 -5.64 -4.64 -15.09
CA THR C 94 -5.00 -4.26 -16.34
C THR C 94 -4.84 -5.49 -17.19
N ILE C 95 -5.25 -5.38 -18.44
CA ILE C 95 -5.12 -6.47 -19.36
C ILE C 95 -4.51 -5.96 -20.66
N ALA C 96 -3.39 -6.57 -21.04
CA ALA C 96 -2.74 -6.22 -22.29
C ALA C 96 -2.31 -7.50 -22.98
N GLU C 97 -1.58 -7.31 -24.09
CA GLU C 97 -1.02 -8.42 -24.86
C GLU C 97 -2.07 -9.45 -25.24
N LYS C 98 -3.21 -8.97 -25.70
CA LYS C 98 -4.32 -9.81 -26.18
C LYS C 98 -4.70 -10.94 -25.24
N GLY C 99 -4.61 -10.72 -23.94
CA GLY C 99 -4.92 -11.77 -22.98
C GLY C 99 -6.27 -11.64 -22.29
N LYS C 100 -6.44 -12.46 -21.26
CA LYS C 100 -7.72 -12.62 -20.60
C LYS C 100 -7.58 -12.73 -19.07
N ILE C 101 -8.47 -12.04 -18.37
CA ILE C 101 -8.61 -12.24 -16.94
C ILE C 101 -10.06 -12.61 -16.67
N SER C 102 -10.27 -13.67 -15.90
CA SER C 102 -11.62 -14.02 -15.47
C SER C 102 -11.73 -14.14 -13.96
N ILE C 103 -12.92 -13.82 -13.48
CA ILE C 103 -13.23 -13.76 -12.07
C ILE C 103 -14.53 -14.52 -11.87
N GLY C 104 -14.51 -15.50 -10.99
CA GLY C 104 -15.61 -16.45 -10.84
C GLY C 104 -16.83 -15.91 -10.10
N LYS C 105 -17.81 -16.80 -9.87
CA LYS C 105 -19.02 -16.42 -9.17
C LYS C 105 -18.77 -16.15 -7.70
N ASP C 106 -19.46 -15.14 -7.19
CA ASP C 106 -19.51 -14.88 -5.76
C ASP C 106 -18.09 -14.71 -5.18
N CYS C 107 -17.26 -13.96 -5.88
CA CYS C 107 -15.97 -13.57 -5.28
C CYS C 107 -16.15 -12.33 -4.43
N MET C 108 -15.19 -12.09 -3.53
CA MET C 108 -15.20 -10.92 -2.68
C MET C 108 -13.76 -10.39 -2.65
N LEU C 109 -13.56 -9.27 -3.33
CA LEU C 109 -12.27 -8.62 -3.43
C LEU C 109 -12.27 -7.34 -2.61
N ALA C 110 -11.49 -7.33 -1.53
CA ALA C 110 -11.36 -6.16 -0.66
C ALA C 110 -10.56 -5.04 -1.34
N HIS C 111 -10.73 -3.81 -0.85
CA HIS C 111 -10.03 -2.64 -1.38
C HIS C 111 -8.55 -2.95 -1.58
N GLY C 112 -7.98 -2.39 -2.63
CA GLY C 112 -6.53 -2.47 -2.84
C GLY C 112 -6.07 -3.59 -3.75
N TYR C 113 -6.99 -4.28 -4.41
CA TYR C 113 -6.57 -5.38 -5.29
C TYR C 113 -5.86 -4.79 -6.51
N GLU C 114 -4.77 -5.43 -6.90
CA GLU C 114 -4.10 -5.13 -8.16
C GLU C 114 -3.98 -6.43 -8.96
N ILE C 115 -4.65 -6.47 -10.09
CA ILE C 115 -4.71 -7.68 -10.93
C ILE C 115 -4.27 -7.41 -12.38
N ARG C 116 -3.33 -8.19 -12.87
CA ARG C 116 -2.74 -7.92 -14.17
C ARG C 116 -2.25 -9.20 -14.85
N ASN C 117 -2.44 -9.26 -16.17
CA ASN C 117 -1.95 -10.37 -16.98
C ASN C 117 -0.62 -10.00 -17.61
N THR C 118 -0.14 -8.82 -17.26
CA THR C 118 0.99 -8.22 -17.96
C THR C 118 1.87 -7.39 -17.03
N ASP C 119 3.14 -7.27 -17.39
CA ASP C 119 4.07 -6.38 -16.72
C ASP C 119 4.11 -5.04 -17.41
N MET C 120 3.54 -4.98 -18.61
CA MET C 120 3.45 -3.75 -19.39
C MET C 120 4.77 -3.33 -20.02
N HIS C 121 5.87 -4.00 -19.67
CA HIS C 121 7.18 -3.65 -20.22
C HIS C 121 8.03 -4.91 -20.35
N PRO C 122 8.78 -5.00 -21.46
CA PRO C 122 9.44 -6.24 -21.82
C PRO C 122 10.74 -6.43 -21.07
N ILE C 123 11.03 -7.69 -20.75
CA ILE C 123 12.33 -8.08 -20.26
C ILE C 123 12.93 -9.03 -21.29
N TYR C 124 14.16 -8.75 -21.72
CA TYR C 124 14.78 -9.57 -22.75
C TYR C 124 15.95 -10.34 -22.17
N SER C 125 16.21 -11.51 -22.76
CA SER C 125 17.41 -12.26 -22.44
C SER C 125 18.62 -11.58 -23.07
N LEU C 126 19.66 -11.41 -22.28
CA LEU C 126 20.90 -10.84 -22.78
C LEU C 126 21.56 -11.87 -23.68
N GLU C 127 21.17 -13.13 -23.48
CA GLU C 127 21.76 -14.25 -24.19
C GLU C 127 21.38 -14.25 -25.67
N ASN C 128 20.11 -14.00 -25.95
CA ASN C 128 19.63 -14.04 -27.34
C ASN C 128 18.69 -12.89 -27.72
N GLY C 129 18.54 -11.93 -26.80
CA GLY C 129 17.76 -10.72 -27.07
C GLY C 129 16.26 -10.97 -27.08
N GLU C 130 15.88 -12.22 -26.85
CA GLU C 130 14.48 -12.58 -26.88
C GLU C 130 13.75 -12.07 -25.64
N ARG C 131 12.48 -11.71 -25.82
CA ARG C 131 11.62 -11.35 -24.70
C ARG C 131 11.21 -12.60 -23.92
N ILE C 132 11.28 -12.53 -22.60
CA ILE C 132 11.02 -13.70 -21.78
C ILE C 132 10.01 -13.44 -20.66
N ASN C 133 9.27 -12.33 -20.73
CA ASN C 133 8.22 -12.05 -19.75
C ASN C 133 6.88 -11.75 -20.40
N HIS C 134 6.45 -12.63 -21.30
CA HIS C 134 5.22 -12.44 -22.06
C HIS C 134 3.98 -12.52 -21.16
N GLY C 135 2.93 -11.78 -21.54
CA GLY C 135 1.68 -11.85 -20.79
C GLY C 135 1.19 -13.27 -20.59
N LYS C 136 0.43 -13.48 -19.52
CA LYS C 136 -0.18 -14.78 -19.25
C LYS C 136 -1.51 -14.54 -18.55
N ASP C 137 -2.52 -15.30 -18.91
CA ASP C 137 -3.87 -15.04 -18.41
C ASP C 137 -3.96 -15.21 -16.90
N VAL C 138 -4.99 -14.60 -16.32
CA VAL C 138 -5.22 -14.71 -14.91
C VAL C 138 -6.61 -15.27 -14.72
N ILE C 139 -6.70 -16.35 -13.93
CA ILE C 139 -7.98 -16.97 -13.64
C ILE C 139 -8.19 -17.03 -12.15
N ILE C 140 -9.21 -16.33 -11.67
CA ILE C 140 -9.60 -16.40 -10.27
C ILE C 140 -10.89 -17.20 -10.20
N GLY C 141 -10.83 -18.39 -9.58
CA GLY C 141 -11.97 -19.29 -9.54
C GLY C 141 -13.14 -18.72 -8.79
N ASN C 142 -14.19 -19.54 -8.67
CA ASN C 142 -15.41 -19.16 -7.94
C ASN C 142 -15.17 -19.07 -6.45
N HIS C 143 -15.93 -18.17 -5.82
CA HIS C 143 -15.93 -18.02 -4.37
C HIS C 143 -14.52 -17.86 -3.85
N VAL C 144 -13.84 -16.85 -4.39
CA VAL C 144 -12.50 -16.49 -3.92
C VAL C 144 -12.60 -15.17 -3.19
N TRP C 145 -12.00 -15.13 -2.01
CA TRP C 145 -11.99 -13.91 -1.20
C TRP C 145 -10.58 -13.36 -1.17
N LEU C 146 -10.39 -12.17 -1.69
CA LEU C 146 -9.11 -11.49 -1.56
C LEU C 146 -9.19 -10.48 -0.42
N GLY C 147 -8.26 -10.59 0.52
CA GLY C 147 -8.12 -9.63 1.62
C GLY C 147 -7.55 -8.34 1.07
N ARG C 148 -7.32 -7.36 1.96
CA ARG C 148 -6.89 -6.04 1.54
C ARG C 148 -5.58 -6.08 0.78
N ASN C 149 -5.49 -5.21 -0.22
CA ASN C 149 -4.24 -4.94 -0.91
C ASN C 149 -3.53 -6.21 -1.32
N VAL C 150 -4.26 -7.08 -2.01
CA VAL C 150 -3.71 -8.29 -2.60
C VAL C 150 -3.33 -7.99 -4.05
N THR C 151 -2.21 -8.53 -4.48
CA THR C 151 -1.72 -8.29 -5.81
C THR C 151 -1.64 -9.62 -6.53
N ILE C 152 -2.23 -9.68 -7.73
CA ILE C 152 -2.20 -10.91 -8.53
C ILE C 152 -1.45 -10.64 -9.83
N LEU C 153 -0.32 -11.30 -10.01
CA LEU C 153 0.51 -11.10 -11.20
C LEU C 153 0.16 -12.07 -12.33
N LYS C 154 0.79 -11.89 -13.48
CA LYS C 154 0.43 -12.61 -14.68
C LYS C 154 0.44 -14.13 -14.49
N GLY C 155 -0.47 -14.80 -15.17
CA GLY C 155 -0.46 -16.24 -15.21
C GLY C 155 -0.99 -16.90 -13.96
N VAL C 156 -1.29 -16.13 -12.93
CA VAL C 156 -1.78 -16.72 -11.70
C VAL C 156 -3.18 -17.30 -11.87
N CYS C 157 -3.33 -18.54 -11.45
CA CYS C 157 -4.64 -19.19 -11.41
CA CYS C 157 -4.64 -19.18 -11.39
C CYS C 157 -4.97 -19.52 -9.94
N ILE C 158 -6.17 -19.12 -9.50
CA ILE C 158 -6.58 -19.36 -8.12
C ILE C 158 -7.76 -20.33 -8.06
N PRO C 159 -7.61 -21.45 -7.35
CA PRO C 159 -8.68 -22.45 -7.22
C PRO C 159 -9.93 -21.89 -6.55
N ASN C 160 -11.04 -22.61 -6.69
CA ASN C 160 -12.30 -22.27 -6.03
C ASN C 160 -12.22 -22.29 -4.52
N ASN C 161 -13.09 -21.52 -3.89
CA ASN C 161 -13.21 -21.51 -2.44
C ASN C 161 -11.86 -21.28 -1.77
N VAL C 162 -11.24 -20.15 -2.07
CA VAL C 162 -9.95 -19.82 -1.51
C VAL C 162 -9.99 -18.44 -0.89
N VAL C 163 -9.29 -18.28 0.23
CA VAL C 163 -9.11 -16.99 0.85
C VAL C 163 -7.65 -16.56 0.73
N VAL C 164 -7.40 -15.38 0.19
CA VAL C 164 -6.03 -14.88 0.12
C VAL C 164 -5.81 -13.81 1.19
N GLY C 165 -4.80 -14.01 2.01
CA GLY C 165 -4.53 -13.15 3.15
C GLY C 165 -4.21 -11.72 2.80
N SER C 166 -4.47 -10.84 3.75
CA SER C 166 -4.17 -9.41 3.64
C SER C 166 -2.73 -9.17 3.16
N HIS C 167 -2.57 -8.37 2.12
CA HIS C 167 -1.26 -7.96 1.56
C HIS C 167 -0.41 -9.07 0.92
N THR C 168 -1.06 -10.14 0.48
CA THR C 168 -0.35 -11.20 -0.21
C THR C 168 -0.12 -10.83 -1.66
N VAL C 169 1.02 -11.26 -2.18
CA VAL C 169 1.36 -11.13 -3.59
C VAL C 169 1.40 -12.53 -4.18
N LEU C 170 0.59 -12.76 -5.22
CA LEU C 170 0.56 -14.04 -5.91
C LEU C 170 1.25 -13.90 -7.27
N TYR C 171 2.30 -14.68 -7.49
CA TYR C 171 3.11 -14.60 -8.70
C TYR C 171 3.13 -15.98 -9.34
N LYS C 172 2.56 -16.94 -8.62
CA LYS C 172 2.52 -18.34 -9.03
C LYS C 172 1.11 -18.90 -8.77
N SER C 173 0.71 -19.87 -9.59
CA SER C 173 -0.58 -20.52 -9.46
C SER C 173 -0.65 -21.52 -8.29
N PHE C 174 -1.87 -21.82 -7.85
CA PHE C 174 -2.12 -22.85 -6.87
C PHE C 174 -3.13 -23.83 -7.44
N LYS C 175 -3.30 -24.97 -6.78
CA LYS C 175 -4.09 -26.07 -7.32
C LYS C 175 -5.14 -26.46 -6.31
N GLU C 176 -4.82 -26.22 -5.05
CA GLU C 176 -5.61 -26.72 -3.93
C GLU C 176 -6.81 -25.84 -3.57
N PRO C 177 -8.02 -26.41 -3.62
CA PRO C 177 -9.21 -25.65 -3.23
C PRO C 177 -9.43 -25.61 -1.71
N ASN C 178 -10.40 -24.80 -1.28
CA ASN C 178 -10.87 -24.82 0.10
C ASN C 178 -9.79 -24.49 1.11
N CYS C 179 -8.98 -23.47 0.82
CA CYS C 179 -7.84 -23.21 1.67
C CYS C 179 -7.54 -21.72 1.79
N VAL C 180 -6.62 -21.42 2.68
CA VAL C 180 -6.18 -20.04 2.89
C VAL C 180 -4.75 -19.92 2.41
N ILE C 181 -4.49 -18.94 1.57
CA ILE C 181 -3.15 -18.70 1.06
C ILE C 181 -2.67 -17.38 1.60
N ALA C 182 -1.47 -17.36 2.18
CA ALA C 182 -0.92 -16.14 2.73
C ALA C 182 0.60 -16.20 2.79
N GLY C 183 1.16 -15.06 3.19
CA GLY C 183 2.58 -14.95 3.47
C GLY C 183 3.39 -14.61 2.23
N SER C 184 4.70 -14.51 2.43
CA SER C 184 5.63 -14.28 1.37
C SER C 184 6.89 -15.11 1.61
N PRO C 185 7.15 -16.09 0.73
CA PRO C 185 6.38 -16.38 -0.47
C PRO C 185 5.03 -16.99 -0.18
N ALA C 186 4.01 -16.52 -0.89
CA ALA C 186 2.65 -16.99 -0.72
C ALA C 186 2.60 -18.50 -0.64
N LYS C 187 1.75 -18.99 0.24
CA LYS C 187 1.76 -20.38 0.60
C LYS C 187 0.40 -20.73 1.18
N ILE C 188 0.02 -22.00 1.07
CA ILE C 188 -1.17 -22.49 1.74
C ILE C 188 -0.88 -22.52 3.24
N VAL C 189 -1.68 -21.83 4.03
CA VAL C 189 -1.44 -21.80 5.47
C VAL C 189 -2.56 -22.47 6.25
N LYS C 190 -3.66 -22.75 5.58
CA LYS C 190 -4.76 -23.48 6.18
C LYS C 190 -5.56 -24.21 5.11
N GLU C 191 -5.93 -25.45 5.42
CA GLU C 191 -6.70 -26.28 4.49
C GLU C 191 -8.06 -26.68 5.04
N ASN C 192 -8.92 -27.14 4.15
CA ASN C 192 -10.23 -27.65 4.51
C ASN C 192 -11.13 -26.60 5.13
N ILE C 193 -11.28 -25.46 4.46
CA ILE C 193 -12.13 -24.41 4.96
C ILE C 193 -13.10 -23.94 3.89
N VAL C 194 -14.10 -23.17 4.33
CA VAL C 194 -14.98 -22.46 3.40
C VAL C 194 -15.30 -21.12 4.04
N TRP C 195 -15.29 -20.06 3.24
CA TRP C 195 -15.55 -18.73 3.77
C TRP C 195 -16.94 -18.32 3.41
N GLY C 196 -17.49 -17.39 4.19
CA GLY C 196 -18.79 -16.81 3.92
C GLY C 196 -18.77 -15.30 4.13
N ARG C 197 -19.89 -14.66 3.85
CA ARG C 197 -19.98 -13.21 3.88
C ARG C 197 -20.47 -12.63 5.21
N LYS C 198 -21.27 -13.41 5.94
CA LYS C 198 -22.03 -12.92 7.10
C LYS C 198 -21.54 -13.53 8.42
N MET C 199 -21.04 -12.67 9.30
CA MET C 199 -20.49 -13.13 10.56
C MET C 199 -21.58 -13.54 11.52
N TYR C 200 -22.80 -13.13 11.26
CA TYR C 200 -23.88 -13.44 12.15
C TYR C 200 -24.33 -14.91 12.10
N HIS C 201 -23.95 -15.63 11.05
CA HIS C 201 -24.30 -17.05 11.00
C HIS C 201 -23.50 -17.88 12.01
N SER C 202 -24.15 -18.88 12.62
CA SER C 202 -23.48 -19.76 13.56
C SER C 202 -22.49 -20.68 12.85
N THR C 203 -22.95 -21.33 11.78
CA THR C 203 -22.14 -22.33 11.11
C THR C 203 -22.24 -22.19 9.60
N MET C 204 -21.43 -22.96 8.88
CA MET C 204 -21.46 -22.92 7.44
C MET C 204 -22.83 -23.39 6.97
N TYR C 205 -23.45 -24.29 7.74
CA TYR C 205 -24.73 -24.89 7.36
C TYR C 205 -25.85 -23.85 7.39
N ASP C 206 -25.61 -22.75 8.08
CA ASP C 206 -26.62 -21.71 8.21
C ASP C 206 -26.63 -20.81 6.97
N ASP C 207 -25.61 -20.95 6.13
CA ASP C 207 -25.48 -20.10 4.96
C ASP C 207 -25.79 -20.92 3.70
N PRO C 208 -26.98 -20.72 3.14
CA PRO C 208 -27.34 -21.62 2.05
C PRO C 208 -26.46 -21.43 0.81
N THR C 209 -25.70 -20.34 0.73
CA THR C 209 -24.83 -20.14 -0.43
C THR C 209 -23.59 -21.02 -0.39
N LEU C 210 -23.37 -21.70 0.73
CA LEU C 210 -22.13 -22.48 0.89
C LEU C 210 -22.33 -23.99 0.65
N ASN C 211 -23.59 -24.39 0.48
CA ASN C 211 -23.94 -25.81 0.33
C ASN C 211 -23.09 -26.54 -0.71
N GLU C 212 -22.91 -25.93 -1.88
CA GLU C 212 -22.11 -26.55 -2.93
C GLU C 212 -20.62 -26.78 -2.57
N PHE C 213 -20.17 -26.23 -1.45
CA PHE C 213 -18.73 -26.32 -1.13
C PHE C 213 -18.40 -27.39 -0.12
N TYR C 214 -19.39 -27.87 0.60
CA TYR C 214 -19.12 -28.96 1.53
C TYR C 214 -19.89 -30.19 1.15
N LYS C 215 -20.75 -30.05 0.14
CA LYS C 215 -21.33 -31.23 -0.54
C LYS C 215 -22.81 -31.01 -0.84
#